data_3N6L
#
_entry.id   3N6L
#
_cell.length_a   103.450
_cell.length_b   103.450
_cell.length_c   132.243
_cell.angle_alpha   90.00
_cell.angle_beta   90.00
_cell.angle_gamma   120.00
#
_symmetry.space_group_name_H-M   'P 32 2 1'
#
loop_
_entity.id
_entity.type
_entity.pdbx_description
1 polymer 'RNA-dependent RNA polymerase'
2 non-polymer 'NICKEL (II) ION'
3 water water
#
_entity_poly.entity_id   1
_entity_poly.type   'polypeptide(L)'
_entity_poly.pdbx_seq_one_letter_code
;GEIQWVKPNKETGRLSINGPTRTKLEPSVFHDVFEGNKEPAVLHSKDPRLEVDFEQALFSKYVGNTLYEPDEYIKEAALH
YANQLKQLEINTSQMSMEEACYGTENLEAIDLHTSAGYPYSALGIKKRDILDPTTRDVSKMKFYMDKYGLDLPYSTYVKD
ELRSIDKIKKGKSRLIEASSLNDSVYLRMAFGHLYETFHANPGTITGSAVGCNPDTFWSKLPILLPGSLFAFDYSGYDAS
LSPVWFRALELVLREIGYSEGAISLIEGINHTHHVYRNKTYCVLGGMPSGCSGTSIFNSMINNIIIRALLIKTFKGIDLD
ELNMVAYGDDVLASYPFPIDCLELAKTGKEYGLTMTPADKSPCFNEVNWDNATFLKRGFLPDEQFPFLIHPTMPMREIHE
SIRWTKDARNTQDHVRSLCLLAWHNGKQEYEKFVSTIRSVPVGRALAIPNYENLRRNWLELF
;
_entity_poly.pdbx_strand_id   A
#
loop_
_chem_comp.id
_chem_comp.type
_chem_comp.name
_chem_comp.formula
NI non-polymer 'NICKEL (II) ION' 'Ni 2'
#
# COMPACT_ATOMS: atom_id res chain seq x y z
N GLY A 1 -13.81 6.05 -7.75
CA GLY A 1 -13.14 6.14 -9.08
C GLY A 1 -14.09 5.62 -10.14
N GLU A 2 -13.86 5.94 -11.40
CA GLU A 2 -14.80 5.63 -12.45
C GLU A 2 -14.16 5.75 -13.79
N ILE A 3 -14.26 4.71 -14.61
CA ILE A 3 -13.78 4.80 -16.00
C ILE A 3 -14.77 5.69 -16.73
N GLN A 4 -14.25 6.60 -17.57
CA GLN A 4 -15.07 7.59 -18.31
C GLN A 4 -15.23 7.07 -19.72
N TRP A 5 -14.18 6.47 -20.24
CA TRP A 5 -14.26 5.87 -21.55
C TRP A 5 -13.17 4.85 -21.68
N VAL A 6 -13.22 4.10 -22.78
CA VAL A 6 -12.25 3.10 -23.18
C VAL A 6 -12.12 3.28 -24.67
N LYS A 7 -10.97 3.02 -25.26
CA LYS A 7 -10.81 3.26 -26.68
C LYS A 7 -9.69 2.35 -27.09
N PRO A 8 -9.68 1.94 -28.36
CA PRO A 8 -8.57 1.14 -28.88
C PRO A 8 -7.29 1.96 -28.97
N ASN A 9 -6.14 1.34 -28.73
CA ASN A 9 -4.85 1.99 -28.89
C ASN A 9 -4.60 2.50 -30.29
N LYS A 10 -5.36 2.05 -31.30
CA LYS A 10 -5.10 2.58 -32.66
C LYS A 10 -5.59 4.01 -32.74
N GLU A 11 -6.71 4.27 -32.08
CA GLU A 11 -7.25 5.58 -31.99
C GLU A 11 -6.35 6.54 -31.16
N THR A 12 -6.06 6.19 -29.89
CA THR A 12 -5.24 7.04 -29.02
C THR A 12 -3.77 7.07 -29.42
N GLY A 13 -3.31 6.08 -30.20
CA GLY A 13 -1.92 6.10 -30.64
C GLY A 13 -0.92 5.62 -29.61
N ARG A 14 -1.41 5.07 -28.50
CA ARG A 14 -0.52 4.59 -27.44
C ARG A 14 0.06 3.25 -27.78
N LEU A 15 1.35 3.08 -27.50
CA LEU A 15 2.04 1.80 -27.57
C LEU A 15 1.53 0.75 -26.58
N SER A 16 1.82 -0.50 -26.86
CA SER A 16 1.19 -1.61 -26.15
C SER A 16 2.26 -2.39 -25.49
N ILE A 17 1.92 -3.08 -24.43
CA ILE A 17 2.91 -3.97 -23.81
C ILE A 17 2.64 -5.47 -24.10
N ASN A 18 3.68 -6.30 -23.98
CA ASN A 18 3.46 -7.75 -23.93
C ASN A 18 2.58 -8.19 -22.72
N GLY A 19 1.59 -9.06 -22.99
CA GLY A 19 0.86 -9.75 -21.91
C GLY A 19 1.82 -10.62 -21.10
N PRO A 20 1.80 -10.53 -19.74
CA PRO A 20 2.67 -11.53 -19.07
C PRO A 20 2.29 -12.98 -19.41
N THR A 21 3.34 -13.77 -19.62
CA THR A 21 3.27 -15.12 -20.15
C THR A 21 3.53 -16.15 -19.01
N ARG A 22 2.46 -16.83 -18.60
CA ARG A 22 2.47 -17.76 -17.47
C ARG A 22 2.73 -16.98 -16.14
N THR A 23 2.39 -17.61 -15.03
CA THR A 23 2.82 -17.14 -13.74
C THR A 23 4.22 -17.60 -13.47
N LYS A 24 4.93 -16.84 -12.65
CA LYS A 24 6.26 -17.17 -12.28
C LYS A 24 6.25 -18.02 -11.01
N LEU A 25 5.08 -18.15 -10.42
CA LEU A 25 4.93 -18.93 -9.22
C LEU A 25 4.83 -20.42 -9.53
N GLU A 26 5.72 -21.19 -8.93
CA GLU A 26 5.72 -22.65 -8.99
C GLU A 26 5.48 -23.23 -7.59
N PRO A 27 4.92 -24.45 -7.51
CA PRO A 27 5.07 -25.33 -6.32
C PRO A 27 6.49 -25.33 -5.77
N SER A 28 6.61 -25.07 -4.46
CA SER A 28 7.90 -25.18 -3.78
C SER A 28 8.08 -26.62 -3.25
N VAL A 29 9.29 -26.91 -2.76
CA VAL A 29 9.57 -28.20 -2.18
C VAL A 29 8.83 -28.44 -0.87
N PHE A 30 7.90 -27.54 -0.49
CA PHE A 30 7.02 -27.69 0.68
C PHE A 30 5.58 -27.63 0.27
N HIS A 31 5.37 -27.68 -1.04
CA HIS A 31 4.08 -27.38 -1.62
C HIS A 31 2.99 -28.14 -0.88
N ASP A 32 3.21 -29.43 -0.69
CA ASP A 32 2.20 -30.26 -0.06
C ASP A 32 2.54 -30.71 1.39
N VAL A 33 3.75 -30.42 1.88
CA VAL A 33 4.00 -30.50 3.32
C VAL A 33 3.05 -29.60 4.18
N PHE A 34 2.77 -28.37 3.73
CA PHE A 34 1.92 -27.46 4.53
C PHE A 34 0.56 -27.36 3.92
N GLU A 35 -0.43 -26.89 4.66
CA GLU A 35 -1.70 -26.66 4.02
C GLU A 35 -1.94 -25.19 3.66
N GLY A 36 -2.62 -25.01 2.52
CA GLY A 36 -3.33 -23.78 2.19
C GLY A 36 -4.14 -23.92 0.92
N ASN A 37 -4.98 -22.94 0.63
CA ASN A 37 -5.80 -23.00 -0.56
C ASN A 37 -5.60 -21.80 -1.52
N LYS A 38 -4.37 -21.56 -1.94
CA LYS A 38 -4.08 -20.43 -2.80
C LYS A 38 -3.21 -20.84 -3.95
N GLU A 39 -3.49 -20.25 -5.10
CA GLU A 39 -2.73 -20.52 -6.31
C GLU A 39 -2.49 -19.16 -6.98
N PRO A 40 -1.64 -19.14 -8.03
CA PRO A 40 -1.40 -17.92 -8.81
C PRO A 40 -2.68 -17.27 -9.30
N ALA A 41 -2.78 -15.94 -9.16
CA ALA A 41 -3.97 -15.21 -9.63
C ALA A 41 -4.23 -15.44 -11.12
N VAL A 42 -5.47 -15.27 -11.52
CA VAL A 42 -5.75 -15.28 -12.95
C VAL A 42 -5.02 -14.13 -13.65
N LEU A 43 -4.16 -14.51 -14.60
CA LEU A 43 -3.28 -13.59 -15.22
C LEU A 43 -3.72 -13.22 -16.62
N HIS A 44 -4.71 -13.97 -17.14
CA HIS A 44 -5.30 -13.67 -18.47
C HIS A 44 -6.73 -14.15 -18.67
N SER A 45 -7.27 -13.77 -19.82
CA SER A 45 -8.68 -13.94 -20.22
C SER A 45 -9.17 -15.40 -20.36
N LYS A 46 -8.27 -16.26 -20.81
CA LYS A 46 -8.59 -17.62 -21.14
C LYS A 46 -8.14 -18.61 -20.06
N ASP A 47 -8.11 -18.17 -18.80
CA ASP A 47 -7.65 -19.00 -17.69
C ASP A 47 -8.75 -20.00 -17.31
N PRO A 48 -8.47 -21.29 -17.55
CA PRO A 48 -9.48 -22.33 -17.35
C PRO A 48 -10.20 -22.29 -16.02
N ARG A 49 -9.70 -21.54 -15.03
CA ARG A 49 -10.38 -21.50 -13.71
C ARG A 49 -11.43 -20.38 -13.53
N LEU A 50 -11.63 -19.54 -14.56
CA LEU A 50 -12.50 -18.36 -14.46
C LEU A 50 -14.03 -18.63 -14.48
N GLU A 51 -14.69 -18.44 -13.36
CA GLU A 51 -16.15 -18.60 -13.33
C GLU A 51 -16.93 -17.38 -13.83
N VAL A 52 -16.22 -16.33 -14.24
CA VAL A 52 -16.86 -15.07 -14.66
C VAL A 52 -16.08 -14.38 -15.79
N ASP A 53 -16.58 -13.22 -16.20
CA ASP A 53 -15.83 -12.47 -17.19
C ASP A 53 -14.62 -11.76 -16.53
N PHE A 54 -13.43 -11.91 -17.12
CA PHE A 54 -12.19 -11.34 -16.54
C PHE A 54 -12.24 -9.79 -16.47
N GLU A 55 -11.79 -9.15 -17.55
CA GLU A 55 -11.89 -7.71 -17.71
C GLU A 55 -13.06 -7.01 -16.97
N GLN A 56 -14.24 -7.58 -16.89
CA GLN A 56 -15.19 -6.84 -16.09
C GLN A 56 -15.05 -7.07 -14.58
N ALA A 57 -14.43 -8.19 -14.19
CA ALA A 57 -13.97 -8.38 -12.81
C ALA A 57 -12.79 -7.39 -12.47
N LEU A 58 -11.77 -7.34 -13.35
CA LEU A 58 -10.67 -6.42 -13.21
C LEU A 58 -11.11 -5.01 -12.85
N PHE A 59 -12.03 -4.44 -13.62
CA PHE A 59 -12.41 -3.05 -13.49
C PHE A 59 -13.66 -2.76 -12.66
N SER A 60 -14.24 -3.78 -12.02
CA SER A 60 -15.38 -3.50 -11.18
C SER A 60 -14.97 -2.81 -9.87
N LYS A 61 -13.67 -2.78 -9.56
CA LYS A 61 -13.14 -2.00 -8.40
C LYS A 61 -13.57 -0.52 -8.39
N TYR A 62 -13.69 0.03 -9.60
CA TYR A 62 -14.10 1.40 -9.86
C TYR A 62 -15.62 1.57 -9.67
N VAL A 63 -16.07 1.73 -8.44
CA VAL A 63 -17.51 1.69 -8.14
C VAL A 63 -18.25 3.03 -8.31
N GLY A 64 -17.71 3.93 -9.13
CA GLY A 64 -18.27 5.27 -9.27
C GLY A 64 -17.64 6.36 -8.40
N ASN A 65 -18.05 7.61 -8.65
CA ASN A 65 -17.64 8.76 -7.86
C ASN A 65 -18.86 9.46 -7.33
N THR A 66 -18.93 9.76 -6.04
CA THR A 66 -20.18 10.25 -5.46
C THR A 66 -20.24 11.74 -5.21
N LEU A 67 -19.16 12.47 -5.51
CA LEU A 67 -18.98 13.84 -5.02
C LEU A 67 -17.62 14.34 -5.46
N TYR A 68 -17.57 15.47 -6.16
CA TYR A 68 -16.33 15.93 -6.79
C TYR A 68 -15.72 17.11 -6.03
N GLU A 69 -16.41 17.53 -4.98
CA GLU A 69 -16.20 18.87 -4.49
C GLU A 69 -16.44 18.91 -2.98
N PRO A 70 -15.37 19.21 -2.22
CA PRO A 70 -15.42 19.20 -0.75
C PRO A 70 -16.60 20.00 -0.16
N ASP A 71 -17.34 19.37 0.75
CA ASP A 71 -18.31 20.08 1.52
C ASP A 71 -17.58 20.55 2.77
N GLU A 72 -18.34 21.04 3.74
CA GLU A 72 -17.78 21.68 4.93
C GLU A 72 -17.12 20.67 5.85
N TYR A 73 -17.65 19.45 5.83
CA TYR A 73 -17.13 18.40 6.70
C TYR A 73 -15.75 18.03 6.23
N ILE A 74 -15.59 17.92 4.91
CA ILE A 74 -14.28 17.60 4.33
C ILE A 74 -13.26 18.75 4.44
N LYS A 75 -13.66 19.98 4.10
CA LYS A 75 -12.78 21.17 4.28
C LYS A 75 -12.26 21.34 5.71
N GLU A 76 -13.15 21.17 6.70
CA GLU A 76 -12.71 21.32 8.10
C GLU A 76 -11.69 20.22 8.50
N ALA A 77 -11.96 19.00 8.07
CA ALA A 77 -11.05 17.86 8.21
C ALA A 77 -9.66 18.12 7.66
N ALA A 78 -9.63 18.51 6.38
CA ALA A 78 -8.40 18.78 5.64
C ALA A 78 -7.56 19.78 6.39
N LEU A 79 -8.21 20.88 6.77
CA LEU A 79 -7.58 21.95 7.51
C LEU A 79 -7.04 21.52 8.87
N HIS A 80 -7.76 20.64 9.59
CA HIS A 80 -7.24 20.13 10.89
C HIS A 80 -6.00 19.24 10.76
N TYR A 81 -6.01 18.37 9.74
CA TYR A 81 -4.84 17.55 9.40
C TYR A 81 -3.70 18.46 8.92
N ALA A 82 -4.02 19.39 8.02
CA ALA A 82 -3.02 20.41 7.61
C ALA A 82 -2.41 21.21 8.79
N ASN A 83 -3.26 21.77 9.65
CA ASN A 83 -2.73 22.45 10.84
C ASN A 83 -1.87 21.53 11.70
N GLN A 84 -2.23 20.24 11.77
CA GLN A 84 -1.47 19.30 12.58
C GLN A 84 -0.09 19.09 11.96
N LEU A 85 -0.04 19.14 10.62
CA LEU A 85 1.20 18.85 9.93
C LEU A 85 2.19 19.98 10.11
N LYS A 86 1.63 21.18 10.34
CA LYS A 86 2.39 22.44 10.33
C LYS A 86 3.65 22.38 11.14
N GLN A 87 3.57 21.71 12.28
CA GLN A 87 4.64 21.60 13.25
C GLN A 87 5.81 20.72 12.82
N LEU A 88 5.68 20.00 11.70
CA LEU A 88 6.78 19.15 11.20
C LEU A 88 7.75 19.93 10.30
N GLU A 89 7.35 21.15 9.96
CA GLU A 89 8.16 22.06 9.14
C GLU A 89 8.58 21.38 7.87
N ILE A 90 7.60 20.95 7.08
CA ILE A 90 7.90 20.19 5.88
C ILE A 90 8.60 21.13 4.92
N ASN A 91 9.74 20.69 4.39
CA ASN A 91 10.37 21.46 3.35
C ASN A 91 9.61 21.42 2.00
N THR A 92 8.96 22.54 1.72
CA THR A 92 8.04 22.74 0.61
C THR A 92 8.74 22.89 -0.74
N SER A 93 10.06 22.97 -0.72
CA SER A 93 10.82 23.25 -1.92
C SER A 93 11.15 22.01 -2.66
N GLN A 94 11.44 22.21 -3.93
CA GLN A 94 11.65 21.12 -4.85
C GLN A 94 12.91 20.41 -4.49
N MET A 95 12.89 19.10 -4.59
CA MET A 95 14.05 18.30 -4.42
C MET A 95 14.87 18.27 -5.72
N SER A 96 16.17 18.06 -5.59
CA SER A 96 17.04 17.96 -6.74
C SER A 96 16.69 16.68 -7.47
N MET A 97 16.81 16.71 -8.79
CA MET A 97 16.65 15.48 -9.55
C MET A 97 17.56 14.38 -9.03
N GLU A 98 18.76 14.75 -8.58
CA GLU A 98 19.71 13.70 -8.16
C GLU A 98 19.15 12.92 -7.00
N GLU A 99 18.60 13.65 -6.03
CA GLU A 99 18.05 13.05 -4.84
C GLU A 99 16.78 12.28 -5.13
N ALA A 100 15.91 12.94 -5.90
CA ALA A 100 14.69 12.32 -6.43
C ALA A 100 14.93 10.93 -6.98
N CYS A 101 16.00 10.75 -7.78
CA CYS A 101 16.28 9.49 -8.43
C CYS A 101 17.12 8.60 -7.54
N TYR A 102 18.09 9.18 -6.87
CA TYR A 102 19.09 8.36 -6.25
C TYR A 102 18.93 8.25 -4.75
N GLY A 103 18.11 9.12 -4.18
CA GLY A 103 17.70 8.93 -2.80
C GLY A 103 18.60 9.61 -1.79
N THR A 104 18.08 9.83 -0.61
CA THR A 104 18.81 10.48 0.43
C THR A 104 18.63 9.58 1.64
N GLU A 105 18.88 10.07 2.85
CA GLU A 105 18.95 9.09 3.95
C GLU A 105 17.54 8.65 4.36
N ASN A 106 16.56 9.53 4.19
CA ASN A 106 15.14 9.25 4.38
C ASN A 106 14.19 9.04 3.16
N LEU A 107 14.73 9.00 1.92
CA LEU A 107 13.98 8.64 0.71
C LEU A 107 14.76 7.59 -0.05
N GLU A 108 14.23 6.37 -0.15
CA GLU A 108 14.91 5.29 -0.88
C GLU A 108 15.09 5.69 -2.35
N ALA A 109 16.23 5.30 -2.93
CA ALA A 109 16.47 5.40 -4.40
C ALA A 109 15.29 4.83 -5.18
N ILE A 110 15.05 5.35 -6.39
CA ILE A 110 14.07 4.76 -7.30
C ILE A 110 14.50 3.32 -7.52
N ASP A 111 13.56 2.40 -7.36
CA ASP A 111 13.86 0.97 -7.50
C ASP A 111 14.26 0.58 -8.94
N LEU A 112 15.50 0.20 -9.15
CA LEU A 112 15.97 -0.17 -10.52
C LEU A 112 15.40 -1.46 -11.10
N HIS A 113 14.70 -2.25 -10.29
CA HIS A 113 14.22 -3.55 -10.72
C HIS A 113 12.76 -3.50 -11.15
N THR A 114 12.06 -2.44 -10.79
CA THR A 114 10.70 -2.26 -11.27
C THR A 114 10.67 -1.71 -12.72
N SER A 115 9.55 -1.86 -13.39
CA SER A 115 9.45 -1.36 -14.78
C SER A 115 9.44 0.19 -14.79
N ALA A 116 9.88 0.73 -15.92
CA ALA A 116 9.95 2.16 -16.08
C ALA A 116 8.64 2.74 -16.59
N GLY A 117 7.62 1.92 -16.81
CA GLY A 117 6.34 2.42 -17.29
C GLY A 117 6.35 3.01 -18.69
N TYR A 118 5.38 3.85 -18.97
CA TYR A 118 5.16 4.31 -20.33
C TYR A 118 6.10 5.46 -20.75
N PRO A 119 6.65 5.40 -21.98
CA PRO A 119 6.55 4.42 -23.04
C PRO A 119 7.73 3.44 -22.97
N TYR A 120 8.50 3.57 -21.89
CA TYR A 120 9.76 2.81 -21.71
C TYR A 120 9.60 1.30 -21.86
N SER A 121 8.65 0.73 -21.10
CA SER A 121 8.44 -0.74 -21.16
C SER A 121 8.02 -1.22 -22.55
N ALA A 122 7.12 -0.49 -23.22
CA ALA A 122 6.81 -0.82 -24.63
C ALA A 122 8.06 -0.81 -25.52
N LEU A 123 8.96 0.14 -25.38
CA LEU A 123 10.21 0.15 -26.19
C LEU A 123 11.36 -0.75 -25.69
N GLY A 124 11.17 -1.46 -24.57
CA GLY A 124 12.29 -2.24 -24.05
C GLY A 124 13.42 -1.46 -23.40
N ILE A 125 13.16 -0.22 -22.98
CA ILE A 125 14.13 0.54 -22.18
C ILE A 125 13.86 0.25 -20.69
N LYS A 126 14.90 -0.17 -19.97
CA LYS A 126 14.77 -0.54 -18.56
C LYS A 126 15.37 0.60 -17.74
N LYS A 127 14.97 0.76 -16.47
CA LYS A 127 15.55 1.83 -15.64
C LYS A 127 17.05 1.82 -15.65
N ARG A 128 17.64 0.63 -15.65
CA ARG A 128 19.11 0.44 -15.63
C ARG A 128 19.79 1.21 -16.76
N ASP A 129 19.14 1.32 -17.92
CA ASP A 129 19.67 2.09 -19.04
C ASP A 129 19.76 3.57 -18.77
N ILE A 130 18.83 4.10 -17.98
CA ILE A 130 18.79 5.53 -17.73
C ILE A 130 19.53 5.97 -16.47
N LEU A 131 19.64 5.06 -15.49
CA LEU A 131 20.01 5.39 -14.10
C LEU A 131 21.15 4.51 -13.58
N ASP A 132 22.19 5.14 -13.03
CA ASP A 132 23.27 4.36 -12.46
C ASP A 132 23.59 4.88 -11.08
N PRO A 133 23.51 4.00 -10.04
CA PRO A 133 23.84 4.47 -8.68
C PRO A 133 25.33 4.72 -8.51
N THR A 134 26.16 3.97 -9.22
CA THR A 134 27.61 4.17 -9.14
C THR A 134 28.07 5.55 -9.62
N THR A 135 27.27 6.27 -10.43
CA THR A 135 27.65 7.60 -10.94
C THR A 135 26.70 8.70 -10.54
N ARG A 136 25.50 8.33 -10.08
CA ARG A 136 24.42 9.31 -9.80
C ARG A 136 24.19 10.34 -10.91
N ASP A 137 24.50 9.97 -12.16
CA ASP A 137 24.22 10.83 -13.33
C ASP A 137 22.69 11.11 -13.45
N VAL A 138 22.30 12.36 -13.64
CA VAL A 138 20.93 12.68 -14.04
C VAL A 138 20.83 13.27 -15.44
N SER A 139 21.93 13.26 -16.21
CA SER A 139 21.88 13.85 -17.55
C SER A 139 21.02 12.97 -18.52
N LYS A 140 21.20 11.67 -18.48
CA LYS A 140 20.32 10.79 -19.23
C LYS A 140 18.82 10.95 -18.86
N MET A 141 18.48 11.16 -17.58
CA MET A 141 17.06 11.30 -17.21
C MET A 141 16.51 12.56 -17.72
N LYS A 142 17.32 13.63 -17.69
CA LYS A 142 16.87 14.89 -18.22
C LYS A 142 16.51 14.68 -19.69
N PHE A 143 17.38 13.98 -20.41
CA PHE A 143 17.22 13.68 -21.81
C PHE A 143 15.91 12.99 -22.13
N TYR A 144 15.58 11.95 -21.37
CA TYR A 144 14.33 11.22 -21.62
C TYR A 144 13.10 11.95 -21.14
N MET A 145 13.30 12.83 -20.17
CA MET A 145 12.22 13.66 -19.71
C MET A 145 11.85 14.69 -20.75
N ASP A 146 12.86 15.12 -21.48
CA ASP A 146 12.62 16.01 -22.59
C ASP A 146 11.99 15.22 -23.70
N LYS A 147 12.53 14.00 -23.94
CA LYS A 147 12.09 13.27 -25.08
C LYS A 147 10.61 13.01 -25.02
N TYR A 148 10.10 12.54 -23.88
CA TYR A 148 8.72 12.07 -23.82
C TYR A 148 7.81 12.93 -22.97
N GLY A 149 8.41 13.88 -22.25
CA GLY A 149 7.67 14.80 -21.44
C GLY A 149 7.03 14.15 -20.24
N LEU A 150 5.88 14.69 -19.84
CA LEU A 150 5.29 14.49 -18.53
C LEU A 150 3.83 14.13 -18.68
N ASP A 151 3.25 13.62 -17.59
CA ASP A 151 1.82 13.41 -17.55
C ASP A 151 1.47 12.31 -18.55
N LEU A 152 2.28 11.25 -18.55
CA LEU A 152 2.14 10.14 -19.48
C LEU A 152 1.11 9.12 -18.99
N PRO A 153 0.58 8.26 -19.91
CA PRO A 153 -0.35 7.18 -19.44
C PRO A 153 0.28 6.22 -18.40
N TYR A 154 -0.54 5.67 -17.50
CA TYR A 154 -0.11 4.56 -16.63
C TYR A 154 -0.25 3.24 -17.32
N SER A 155 0.89 2.63 -17.59
CA SER A 155 1.01 1.26 -18.10
C SER A 155 0.51 0.23 -17.07
N THR A 156 -0.58 -0.46 -17.40
CA THR A 156 -1.33 -1.29 -16.47
C THR A 156 -1.24 -2.76 -16.83
N TYR A 157 -0.87 -3.60 -15.87
CA TYR A 157 -0.90 -5.06 -16.03
C TYR A 157 -1.32 -5.82 -14.75
N VAL A 158 -1.50 -7.14 -14.87
CA VAL A 158 -2.03 -7.96 -13.76
C VAL A 158 -0.90 -8.36 -12.83
N LYS A 159 -1.16 -8.25 -11.53
CA LYS A 159 -0.19 -8.58 -10.51
C LYS A 159 -0.10 -10.09 -10.35
N ASP A 160 1.08 -10.61 -10.60
CA ASP A 160 1.38 -12.00 -10.42
C ASP A 160 1.68 -12.30 -8.93
N GLU A 161 0.64 -12.78 -8.24
CA GLU A 161 0.68 -13.01 -6.83
C GLU A 161 -0.34 -14.11 -6.44
N LEU A 162 -0.29 -14.56 -5.18
CA LEU A 162 -1.20 -15.60 -4.72
C LEU A 162 -2.55 -15.03 -4.37
N ARG A 163 -3.63 -15.75 -4.68
CA ARG A 163 -4.99 -15.34 -4.26
C ARG A 163 -5.80 -16.54 -3.80
N SER A 164 -6.86 -16.28 -3.03
CA SER A 164 -7.74 -17.33 -2.57
C SER A 164 -8.43 -17.98 -3.75
N ILE A 165 -8.99 -19.18 -3.58
CA ILE A 165 -9.72 -19.84 -4.67
C ILE A 165 -10.87 -18.96 -5.09
N ASP A 166 -11.48 -18.36 -4.08
CA ASP A 166 -12.65 -17.53 -4.26
C ASP A 166 -12.36 -16.39 -5.25
N LYS A 167 -11.17 -15.79 -5.14
CA LYS A 167 -10.79 -14.67 -6.01
C LYS A 167 -10.32 -15.14 -7.40
N ILE A 168 -9.78 -16.36 -7.47
CA ILE A 168 -9.38 -16.96 -8.74
C ILE A 168 -10.61 -17.31 -9.60
N LYS A 169 -11.59 -17.98 -9.00
CA LYS A 169 -12.89 -18.24 -9.66
C LYS A 169 -13.53 -16.93 -10.07
N LYS A 170 -13.69 -16.03 -9.10
CA LYS A 170 -14.37 -14.73 -9.34
C LYS A 170 -13.55 -13.65 -10.10
N GLY A 171 -12.43 -14.03 -10.69
CA GLY A 171 -11.62 -13.14 -11.54
C GLY A 171 -11.03 -11.91 -10.83
N LYS A 172 -10.99 -11.93 -9.49
CA LYS A 172 -10.54 -10.76 -8.78
C LYS A 172 -9.00 -10.72 -8.56
N SER A 173 -8.29 -10.66 -9.70
CA SER A 173 -6.84 -10.41 -9.69
C SER A 173 -6.64 -8.92 -9.37
N ARG A 174 -5.43 -8.54 -8.94
CA ARG A 174 -5.12 -7.11 -8.69
C ARG A 174 -4.30 -6.55 -9.83
N LEU A 175 -4.47 -5.24 -10.07
CA LEU A 175 -3.72 -4.56 -11.14
C LEU A 175 -2.51 -3.79 -10.66
N ILE A 176 -1.45 -3.81 -11.44
CA ILE A 176 -0.38 -2.89 -11.21
C ILE A 176 -0.52 -1.78 -12.24
N GLU A 177 -0.59 -0.55 -11.72
CA GLU A 177 -0.76 0.64 -12.55
C GLU A 177 0.47 1.49 -12.32
N ALA A 178 1.48 1.28 -13.16
CA ALA A 178 2.77 1.88 -12.95
C ALA A 178 2.80 3.23 -13.67
N SER A 179 3.11 4.31 -12.94
CA SER A 179 3.33 5.61 -13.58
C SER A 179 4.64 5.55 -14.34
N SER A 180 4.82 6.43 -15.31
CA SER A 180 6.02 6.43 -16.12
C SER A 180 7.17 6.94 -15.29
N LEU A 181 8.38 6.42 -15.50
CA LEU A 181 9.55 6.97 -14.83
C LEU A 181 9.47 8.49 -14.85
N ASN A 182 9.13 9.08 -16.00
CA ASN A 182 9.10 10.53 -16.09
C ASN A 182 8.27 11.15 -14.97
N ASP A 183 7.10 10.56 -14.67
CA ASP A 183 6.23 11.16 -13.67
C ASP A 183 6.68 10.80 -12.26
N SER A 184 7.30 9.65 -12.07
CA SER A 184 7.82 9.33 -10.76
C SER A 184 8.91 10.34 -10.38
N VAL A 185 9.87 10.56 -11.29
CA VAL A 185 10.93 11.52 -11.04
C VAL A 185 10.35 12.88 -10.69
N TYR A 186 9.43 13.34 -11.49
CA TYR A 186 8.86 14.64 -11.29
C TYR A 186 8.08 14.79 -9.97
N LEU A 187 7.34 13.74 -9.58
CA LEU A 187 6.54 13.79 -8.35
C LEU A 187 7.45 13.81 -7.11
N ARG A 188 8.49 13.00 -7.17
CA ARG A 188 9.51 12.92 -6.15
C ARG A 188 10.23 14.25 -6.03
N MET A 189 10.51 14.87 -7.17
CA MET A 189 11.12 16.19 -7.13
C MET A 189 10.24 17.15 -6.39
N ALA A 190 8.93 17.16 -6.66
CA ALA A 190 8.03 18.09 -6.00
C ALA A 190 7.68 17.75 -4.54
N PHE A 191 7.81 16.48 -4.14
CA PHE A 191 7.35 16.09 -2.82
C PHE A 191 8.34 15.24 -2.03
N GLY A 192 9.51 14.99 -2.61
CA GLY A 192 10.54 14.25 -1.86
C GLY A 192 10.83 14.71 -0.41
N HIS A 193 10.71 16.00 -0.12
CA HIS A 193 11.04 16.43 1.24
C HIS A 193 9.89 15.96 2.17
N LEU A 194 8.65 16.14 1.70
CA LEU A 194 7.48 15.58 2.36
C LEU A 194 7.64 14.06 2.55
N TYR A 195 8.08 13.35 1.51
CA TYR A 195 8.28 11.93 1.69
C TYR A 195 9.31 11.69 2.78
N GLU A 196 10.37 12.48 2.78
CA GLU A 196 11.43 12.30 3.78
C GLU A 196 10.89 12.51 5.18
N THR A 197 10.20 13.63 5.40
CA THR A 197 9.79 13.79 6.76
C THR A 197 8.87 12.63 7.17
N PHE A 198 7.88 12.31 6.35
CA PHE A 198 7.02 11.13 6.60
C PHE A 198 7.78 9.84 6.91
N HIS A 199 8.81 9.49 6.14
CA HIS A 199 9.58 8.29 6.53
C HIS A 199 10.25 8.38 7.91
N ALA A 200 10.84 9.53 8.19
CA ALA A 200 11.57 9.79 9.43
C ALA A 200 10.59 9.81 10.63
N ASN A 201 9.36 10.28 10.41
CA ASN A 201 8.34 10.36 11.46
C ASN A 201 7.11 9.46 11.35
N PRO A 202 7.30 8.15 11.42
CA PRO A 202 6.05 7.44 11.55
C PRO A 202 5.42 7.71 12.93
N GLY A 203 4.14 8.06 12.97
CA GLY A 203 3.45 8.19 14.21
C GLY A 203 2.21 9.00 14.00
N THR A 204 1.79 9.70 15.04
CA THR A 204 0.51 10.44 15.09
C THR A 204 0.56 11.88 14.67
N ILE A 205 1.77 12.44 14.54
CA ILE A 205 1.89 13.79 13.95
C ILE A 205 1.62 13.69 12.44
N THR A 206 2.46 12.96 11.71
CA THR A 206 2.18 12.63 10.29
C THR A 206 0.85 11.85 10.15
N GLY A 207 0.57 10.96 11.11
CA GLY A 207 -0.64 10.13 11.01
C GLY A 207 -0.40 9.01 9.97
N SER A 208 0.85 8.58 9.87
CA SER A 208 1.32 7.69 8.84
C SER A 208 2.26 6.66 9.40
N ALA A 209 2.14 5.44 8.89
CA ALA A 209 3.02 4.35 9.29
C ALA A 209 3.87 3.93 8.14
N VAL A 210 3.83 4.66 7.04
CA VAL A 210 4.59 4.30 5.84
C VAL A 210 6.08 4.24 6.15
N GLY A 211 6.71 3.12 5.79
CA GLY A 211 8.14 2.94 6.04
C GLY A 211 8.42 2.50 7.46
N CYS A 212 7.39 2.26 8.29
CA CYS A 212 7.66 1.83 9.65
C CYS A 212 8.29 0.47 9.64
N ASN A 213 8.98 0.11 10.71
CA ASN A 213 9.54 -1.22 10.84
C ASN A 213 8.74 -1.91 11.96
N PRO A 214 7.87 -2.85 11.62
CA PRO A 214 6.96 -3.30 12.68
C PRO A 214 7.67 -3.97 13.90
N ASP A 215 8.82 -4.58 13.67
CA ASP A 215 9.69 -5.07 14.76
C ASP A 215 9.71 -4.15 15.99
N THR A 216 9.93 -2.85 15.75
CA THR A 216 9.98 -1.85 16.83
C THR A 216 8.75 -0.92 16.91
N PHE A 217 8.15 -0.58 15.78
CA PHE A 217 7.10 0.41 15.80
C PHE A 217 5.89 -0.08 16.60
N TRP A 218 5.80 -1.39 16.79
CA TRP A 218 4.64 -2.02 17.41
C TRP A 218 4.58 -1.66 18.87
N SER A 219 5.76 -1.59 19.50
CA SER A 219 5.89 -1.17 20.93
C SER A 219 5.51 0.28 21.17
N LYS A 220 5.53 1.12 20.14
CA LYS A 220 5.18 2.50 20.30
C LYS A 220 3.72 2.62 20.11
N LEU A 221 3.13 1.65 19.43
CA LEU A 221 1.73 1.85 19.06
C LEU A 221 0.78 1.99 20.25
N PRO A 222 0.94 1.18 21.31
CA PRO A 222 0.05 1.34 22.47
C PRO A 222 0.16 2.73 23.10
N ILE A 223 1.39 3.23 23.23
CA ILE A 223 1.67 4.56 23.76
C ILE A 223 1.12 5.67 22.87
N LEU A 224 1.25 5.51 21.55
CA LEU A 224 0.80 6.51 20.59
C LEU A 224 -0.70 6.60 20.45
N LEU A 225 -1.37 5.49 20.72
CA LEU A 225 -2.84 5.42 20.52
C LEU A 225 -3.59 5.04 21.81
N PRO A 226 -3.52 5.89 22.87
CA PRO A 226 -4.04 5.46 24.18
C PRO A 226 -5.53 5.64 24.21
N GLY A 227 -6.15 5.21 25.31
CA GLY A 227 -7.62 5.26 25.43
C GLY A 227 -8.27 4.18 24.58
N SER A 228 -9.32 4.52 23.84
CA SER A 228 -10.15 3.48 23.27
C SER A 228 -10.03 3.29 21.72
N LEU A 229 -9.44 2.16 21.30
CA LEU A 229 -9.15 1.80 19.89
C LEU A 229 -10.34 1.73 18.95
N PHE A 230 -10.07 1.91 17.66
CA PHE A 230 -11.03 1.61 16.61
C PHE A 230 -10.34 1.41 15.24
N ALA A 231 -11.02 0.71 14.34
CA ALA A 231 -10.38 0.08 13.16
C ALA A 231 -11.44 -0.62 12.37
N PHE A 232 -11.27 -0.67 11.06
CA PHE A 232 -12.21 -1.37 10.21
C PHE A 232 -11.47 -1.63 8.89
N ASP A 233 -12.16 -2.27 7.95
CA ASP A 233 -11.60 -2.61 6.66
C ASP A 233 -12.37 -1.85 5.62
N TYR A 234 -11.71 -1.51 4.51
CA TYR A 234 -12.38 -0.86 3.37
C TYR A 234 -12.35 -1.88 2.28
N SER A 235 -13.37 -1.94 1.43
CA SER A 235 -13.26 -2.78 0.23
C SER A 235 -12.86 -1.91 -0.93
N GLY A 236 -11.71 -2.19 -1.54
CA GLY A 236 -11.21 -1.44 -2.71
C GLY A 236 -11.19 0.05 -2.44
N TYR A 237 -10.60 0.42 -1.31
CA TYR A 237 -10.27 1.80 -0.96
C TYR A 237 -9.72 2.62 -2.15
N ASP A 238 -8.52 2.28 -2.61
CA ASP A 238 -7.93 2.97 -3.74
C ASP A 238 -8.89 3.36 -4.84
N ALA A 239 -9.63 2.38 -5.35
CA ALA A 239 -10.47 2.65 -6.52
C ALA A 239 -11.76 3.35 -6.17
N SER A 240 -12.17 3.26 -4.92
CA SER A 240 -13.41 3.93 -4.50
C SER A 240 -13.21 5.42 -4.20
N LEU A 241 -11.96 5.90 -4.17
CA LEU A 241 -11.70 7.29 -3.85
C LEU A 241 -12.26 8.15 -4.96
N SER A 242 -13.17 9.04 -4.60
CA SER A 242 -13.74 9.96 -5.57
C SER A 242 -12.85 11.22 -5.63
N PRO A 243 -12.93 12.03 -6.73
CA PRO A 243 -12.07 13.25 -6.81
C PRO A 243 -12.10 14.14 -5.57
N VAL A 244 -13.24 14.26 -4.92
CA VAL A 244 -13.33 15.09 -3.74
C VAL A 244 -12.09 14.90 -2.82
N TRP A 245 -11.56 13.69 -2.75
CA TRP A 245 -10.43 13.43 -1.85
C TRP A 245 -9.15 14.04 -2.40
N PHE A 246 -8.93 13.95 -3.70
CA PHE A 246 -7.85 14.65 -4.34
C PHE A 246 -7.95 16.18 -4.16
N ARG A 247 -9.18 16.72 -4.27
CA ARG A 247 -9.44 18.10 -3.94
C ARG A 247 -9.06 18.37 -2.50
N ALA A 248 -9.45 17.49 -1.58
CA ALA A 248 -9.16 17.75 -0.19
C ALA A 248 -7.69 17.62 0.04
N LEU A 249 -7.00 16.90 -0.81
CA LEU A 249 -5.60 16.71 -0.58
C LEU A 249 -4.92 18.03 -0.95
N GLU A 250 -5.43 18.63 -2.02
CA GLU A 250 -4.95 19.92 -2.44
C GLU A 250 -5.06 20.97 -1.32
N LEU A 251 -6.18 21.03 -0.63
CA LEU A 251 -6.31 22.01 0.44
C LEU A 251 -5.19 21.82 1.43
N VAL A 252 -4.90 20.58 1.77
CA VAL A 252 -3.84 20.25 2.73
C VAL A 252 -2.46 20.64 2.20
N LEU A 253 -2.21 20.48 0.92
CA LEU A 253 -0.89 20.81 0.45
C LEU A 253 -0.70 22.33 0.35
N ARG A 254 -1.77 23.04 -0.03
CA ARG A 254 -1.80 24.50 0.03
C ARG A 254 -1.57 25.02 1.44
N GLU A 255 -2.39 24.58 2.38
CA GLU A 255 -2.25 25.06 3.74
C GLU A 255 -0.94 24.81 4.42
N ILE A 256 -0.13 23.88 3.94
CA ILE A 256 1.14 23.64 4.63
C ILE A 256 2.26 24.33 3.87
N GLY A 257 1.90 24.99 2.76
CA GLY A 257 2.81 25.88 2.08
C GLY A 257 3.36 25.52 0.71
N TYR A 258 2.69 24.63 -0.02
CA TYR A 258 3.19 24.20 -1.32
C TYR A 258 2.81 25.25 -2.34
N SER A 259 3.67 25.39 -3.38
CA SER A 259 3.40 26.25 -4.55
C SER A 259 2.28 25.68 -5.37
N GLU A 260 1.68 26.49 -6.24
CA GLU A 260 0.63 26.01 -7.14
C GLU A 260 1.12 24.99 -8.16
N GLY A 261 2.37 25.10 -8.57
CA GLY A 261 2.92 24.17 -9.55
C GLY A 261 2.91 22.73 -9.03
N ALA A 262 3.44 22.57 -7.81
CA ALA A 262 3.45 21.35 -7.07
C ALA A 262 2.00 20.81 -6.81
N ILE A 263 1.06 21.70 -6.54
CA ILE A 263 -0.31 21.30 -6.28
C ILE A 263 -0.94 20.79 -7.59
N SER A 264 -0.61 21.38 -8.73
CA SER A 264 -1.24 20.90 -9.96
C SER A 264 -0.86 19.43 -10.31
N LEU A 265 0.25 18.91 -9.77
CA LEU A 265 0.56 17.49 -9.95
C LEU A 265 -0.60 16.54 -9.55
N ILE A 266 -1.36 16.91 -8.51
CA ILE A 266 -2.45 16.07 -8.00
C ILE A 266 -3.55 15.76 -9.03
N GLU A 267 -3.85 16.70 -9.92
CA GLU A 267 -4.89 16.46 -10.91
C GLU A 267 -4.49 15.36 -11.88
N GLY A 268 -3.21 15.30 -12.18
CA GLY A 268 -2.59 14.20 -12.95
C GLY A 268 -2.58 12.85 -12.25
N ILE A 269 -3.03 12.82 -10.99
CA ILE A 269 -3.20 11.58 -10.27
C ILE A 269 -4.70 11.26 -10.18
N ASN A 270 -5.51 12.27 -9.94
CA ASN A 270 -6.93 12.10 -9.86
C ASN A 270 -7.57 11.75 -11.20
N HIS A 271 -6.89 12.14 -12.28
CA HIS A 271 -7.35 11.94 -13.63
C HIS A 271 -6.23 11.34 -14.42
N THR A 272 -6.33 10.03 -14.73
CA THR A 272 -5.26 9.27 -15.36
C THR A 272 -5.80 8.52 -16.57
N HIS A 273 -4.90 8.29 -17.51
CA HIS A 273 -5.15 7.45 -18.63
C HIS A 273 -4.28 6.20 -18.45
N HIS A 274 -4.88 5.04 -18.66
CA HIS A 274 -4.16 3.80 -18.50
C HIS A 274 -4.15 3.05 -19.81
N VAL A 275 -3.15 2.20 -20.01
CA VAL A 275 -3.05 1.34 -21.18
C VAL A 275 -3.01 -0.12 -20.69
N TYR A 276 -4.16 -0.78 -20.62
CA TYR A 276 -4.21 -2.21 -20.34
C TYR A 276 -4.32 -2.95 -21.64
N ARG A 277 -3.22 -3.62 -22.00
CA ARG A 277 -3.20 -4.54 -23.16
C ARG A 277 -3.41 -3.83 -24.48
N ASN A 278 -4.54 -4.06 -25.14
CA ASN A 278 -4.74 -3.48 -26.48
C ASN A 278 -5.47 -2.12 -26.50
N LYS A 279 -6.06 -1.74 -25.35
CA LYS A 279 -6.90 -0.54 -25.16
C LYS A 279 -6.29 0.55 -24.23
N THR A 280 -6.71 1.80 -24.40
CA THR A 280 -6.36 2.78 -23.40
C THR A 280 -7.62 3.32 -22.74
N TYR A 281 -7.59 3.65 -21.46
CA TYR A 281 -8.81 4.13 -20.83
C TYR A 281 -8.60 5.19 -19.73
N CYS A 282 -9.67 5.94 -19.43
CA CYS A 282 -9.56 7.15 -18.65
C CYS A 282 -10.22 6.93 -17.34
N VAL A 283 -9.49 7.15 -16.26
CA VAL A 283 -10.05 6.95 -14.93
C VAL A 283 -10.04 8.29 -14.28
N LEU A 284 -11.10 8.60 -13.57
CA LEU A 284 -11.29 9.83 -12.89
C LEU A 284 -11.68 9.44 -11.50
N GLY A 285 -10.82 9.75 -10.52
CA GLY A 285 -10.95 9.23 -9.17
C GLY A 285 -10.02 8.03 -9.05
N GLY A 286 -9.81 7.56 -7.84
CA GLY A 286 -9.01 6.34 -7.65
C GLY A 286 -7.53 6.57 -7.63
N MET A 287 -6.88 6.14 -6.54
CA MET A 287 -5.44 6.23 -6.44
C MET A 287 -4.85 5.15 -7.36
N PRO A 288 -4.04 5.54 -8.37
CA PRO A 288 -3.37 4.46 -9.13
C PRO A 288 -2.59 3.57 -8.16
N SER A 289 -2.50 2.27 -8.42
CA SER A 289 -1.71 1.48 -7.48
C SER A 289 -0.19 1.91 -7.45
N GLY A 290 0.40 2.09 -8.65
CA GLY A 290 1.85 2.27 -8.79
C GLY A 290 2.30 3.69 -9.11
N CYS A 291 1.67 4.65 -8.48
CA CYS A 291 2.06 6.03 -8.65
C CYS A 291 3.14 6.36 -7.59
N SER A 292 4.12 7.20 -7.95
CA SER A 292 5.22 7.46 -6.99
C SER A 292 4.74 7.52 -5.53
N GLY A 293 4.00 8.56 -5.21
CA GLY A 293 3.68 8.76 -3.82
C GLY A 293 2.39 8.07 -3.42
N THR A 294 2.12 6.90 -3.98
CA THR A 294 0.82 6.29 -3.71
C THR A 294 0.57 6.10 -2.23
N SER A 295 1.54 5.50 -1.53
CA SER A 295 1.39 5.10 -0.14
C SER A 295 1.08 6.32 0.68
N ILE A 296 1.90 7.36 0.51
CA ILE A 296 1.79 8.53 1.35
C ILE A 296 0.53 9.29 1.09
N PHE A 297 0.21 9.49 -0.17
CA PHE A 297 -0.95 10.25 -0.49
C PHE A 297 -2.22 9.53 -0.05
N ASN A 298 -2.28 8.21 -0.26
CA ASN A 298 -3.35 7.40 0.31
C ASN A 298 -3.43 7.59 1.80
N SER A 299 -2.30 7.49 2.49
CA SER A 299 -2.24 7.70 3.97
C SER A 299 -2.70 9.13 4.41
N MET A 300 -2.19 10.15 3.72
CA MET A 300 -2.67 11.51 3.91
C MET A 300 -4.15 11.54 3.65
N ILE A 301 -4.60 10.98 2.53
CA ILE A 301 -6.02 11.06 2.23
C ILE A 301 -6.83 10.39 3.35
N ASN A 302 -6.41 9.21 3.81
CA ASN A 302 -7.14 8.55 4.90
C ASN A 302 -7.22 9.37 6.19
N ASN A 303 -6.15 10.11 6.50
CA ASN A 303 -6.18 11.09 7.59
C ASN A 303 -7.30 12.13 7.45
N ILE A 304 -7.49 12.61 6.23
CA ILE A 304 -8.58 13.53 5.88
C ILE A 304 -9.91 12.83 6.12
N ILE A 305 -10.09 11.66 5.51
CA ILE A 305 -11.35 10.87 5.58
C ILE A 305 -11.80 10.52 7.01
N ILE A 306 -10.93 9.93 7.82
CA ILE A 306 -11.34 9.56 9.18
C ILE A 306 -11.88 10.78 9.96
N ARG A 307 -11.26 11.94 9.77
CA ARG A 307 -11.66 13.19 10.43
C ARG A 307 -13.01 13.62 9.87
N ALA A 308 -13.13 13.64 8.54
CA ALA A 308 -14.40 13.97 7.93
C ALA A 308 -15.53 13.07 8.44
N LEU A 309 -15.40 11.75 8.28
CA LEU A 309 -16.40 10.80 8.82
C LEU A 309 -16.76 11.13 10.29
N LEU A 310 -15.76 11.27 11.14
CA LEU A 310 -16.00 11.55 12.55
C LEU A 310 -16.90 12.76 12.77
N ILE A 311 -16.57 13.88 12.14
CA ILE A 311 -17.29 15.11 12.45
C ILE A 311 -18.58 15.27 11.66
N LYS A 312 -18.73 14.54 10.56
CA LYS A 312 -20.04 14.48 9.92
C LYS A 312 -20.96 13.63 10.78
N THR A 313 -20.45 12.52 11.33
CA THR A 313 -21.28 11.57 12.07
C THR A 313 -21.65 12.03 13.49
N PHE A 314 -20.67 12.43 14.29
CA PHE A 314 -20.91 12.76 15.70
C PHE A 314 -20.80 14.25 16.05
N LYS A 315 -21.70 14.73 16.90
CA LYS A 315 -21.62 16.13 17.37
C LYS A 315 -20.67 16.23 18.56
N GLY A 316 -20.09 17.43 18.73
CA GLY A 316 -19.20 17.73 19.86
C GLY A 316 -17.92 16.91 19.97
N ILE A 317 -17.68 16.12 18.92
CA ILE A 317 -16.44 15.38 18.75
C ILE A 317 -15.28 16.35 18.62
N ASP A 318 -14.24 16.18 19.44
CA ASP A 318 -13.12 17.11 19.44
C ASP A 318 -11.98 16.44 18.71
N LEU A 319 -11.68 16.92 17.51
CA LEU A 319 -10.66 16.30 16.66
C LEU A 319 -9.25 16.27 17.22
N ASP A 320 -8.91 17.11 18.20
CA ASP A 320 -7.53 17.05 18.72
C ASP A 320 -7.38 15.85 19.64
N GLU A 321 -8.50 15.22 19.95
CA GLU A 321 -8.43 14.09 20.85
C GLU A 321 -8.16 12.79 20.10
N LEU A 322 -8.34 12.84 18.76
CA LEU A 322 -8.01 11.75 17.83
C LEU A 322 -6.55 11.44 17.74
N ASN A 323 -6.26 10.18 17.53
CA ASN A 323 -4.92 9.66 17.23
C ASN A 323 -5.09 8.62 16.13
N MET A 324 -4.29 8.69 15.07
CA MET A 324 -4.34 7.64 14.08
C MET A 324 -3.04 7.47 13.36
N VAL A 325 -2.82 6.25 12.90
CA VAL A 325 -1.82 6.03 11.90
C VAL A 325 -2.46 5.31 10.71
N ALA A 326 -1.97 5.63 9.51
CA ALA A 326 -2.55 5.12 8.30
C ALA A 326 -1.42 4.64 7.45
N TYR A 327 -1.64 3.48 6.83
CA TYR A 327 -0.73 2.95 5.82
C TYR A 327 -1.60 2.60 4.63
N GLY A 328 -1.70 3.53 3.69
CA GLY A 328 -2.66 3.44 2.60
C GLY A 328 -4.05 3.28 3.19
N ASP A 329 -4.77 2.29 2.72
CA ASP A 329 -6.13 2.07 3.16
C ASP A 329 -6.22 1.66 4.63
N ASP A 330 -5.12 1.18 5.20
CA ASP A 330 -5.13 0.49 6.50
C ASP A 330 -4.94 1.43 7.67
N VAL A 331 -5.95 1.61 8.51
CA VAL A 331 -5.91 2.58 9.60
C VAL A 331 -6.03 1.96 10.99
N LEU A 332 -5.19 2.36 11.94
CA LEU A 332 -5.40 2.08 13.37
C LEU A 332 -5.61 3.40 14.14
N ALA A 333 -6.69 3.49 14.89
CA ALA A 333 -7.06 4.75 15.57
C ALA A 333 -7.40 4.55 17.05
N SER A 334 -7.43 5.66 17.79
CA SER A 334 -8.01 5.67 19.14
C SER A 334 -8.66 7.01 19.42
N TYR A 335 -9.37 7.08 20.54
CA TYR A 335 -10.12 8.25 20.93
C TYR A 335 -10.42 8.00 22.40
N PRO A 336 -10.73 9.07 23.18
CA PRO A 336 -10.98 8.78 24.61
C PRO A 336 -12.28 8.04 24.94
N PHE A 337 -13.24 8.02 24.02
CA PHE A 337 -14.46 7.23 24.20
C PHE A 337 -14.66 6.22 23.07
N PRO A 338 -15.54 5.21 23.26
CA PRO A 338 -15.83 4.26 22.20
C PRO A 338 -16.46 4.97 21.01
N ILE A 339 -16.32 4.41 19.83
CA ILE A 339 -16.84 5.03 18.63
C ILE A 339 -17.63 3.99 17.87
N ASP A 340 -18.88 4.35 17.58
CA ASP A 340 -19.77 3.46 16.88
C ASP A 340 -19.43 3.44 15.37
N CYS A 341 -18.71 2.40 14.98
CA CYS A 341 -18.20 2.29 13.64
C CYS A 341 -19.25 1.91 12.61
N LEU A 342 -20.38 1.39 13.08
CA LEU A 342 -21.52 1.10 12.22
C LEU A 342 -22.06 2.38 11.59
N GLU A 343 -22.18 3.42 12.44
CA GLU A 343 -22.62 4.74 12.03
C GLU A 343 -21.56 5.40 11.14
N LEU A 344 -20.27 5.20 11.48
CA LEU A 344 -19.17 5.69 10.62
C LEU A 344 -19.27 5.11 9.23
N ALA A 345 -19.47 3.80 9.18
CA ALA A 345 -19.64 3.04 7.93
C ALA A 345 -20.78 3.52 7.07
N LYS A 346 -21.86 3.97 7.70
CA LYS A 346 -23.02 4.55 6.98
C LYS A 346 -22.68 5.90 6.35
N THR A 347 -22.17 6.83 7.16
CA THR A 347 -21.59 8.09 6.68
C THR A 347 -20.61 7.86 5.52
N GLY A 348 -19.71 6.90 5.70
CA GLY A 348 -18.81 6.41 4.64
C GLY A 348 -19.44 6.00 3.33
N LYS A 349 -20.55 5.27 3.36
CA LYS A 349 -21.20 4.91 2.07
C LYS A 349 -21.71 6.13 1.31
N GLU A 350 -22.10 7.18 2.03
CA GLU A 350 -22.58 8.41 1.40
C GLU A 350 -21.47 9.01 0.55
N TYR A 351 -20.24 8.88 1.02
CA TYR A 351 -19.09 9.37 0.29
C TYR A 351 -18.53 8.38 -0.75
N GLY A 352 -19.21 7.26 -0.96
CA GLY A 352 -18.74 6.20 -1.87
C GLY A 352 -17.73 5.24 -1.28
N LEU A 353 -17.58 5.25 0.05
CA LEU A 353 -16.64 4.36 0.75
C LEU A 353 -17.31 3.16 1.39
N THR A 354 -16.79 1.96 1.10
CA THR A 354 -17.35 0.75 1.68
C THR A 354 -16.56 0.31 2.89
N MET A 355 -17.17 0.41 4.07
CA MET A 355 -16.50 0.03 5.31
C MET A 355 -17.15 -1.16 6.04
N THR A 356 -16.32 -2.18 6.24
CA THR A 356 -16.71 -3.46 6.81
C THR A 356 -15.98 -3.57 8.15
N PRO A 357 -16.46 -4.41 9.08
CA PRO A 357 -15.72 -4.53 10.35
C PRO A 357 -14.35 -5.16 10.24
N ALA A 358 -13.46 -4.87 11.20
CA ALA A 358 -12.07 -5.34 11.21
C ALA A 358 -11.92 -6.86 11.17
N ASP A 359 -10.95 -7.30 10.37
CA ASP A 359 -10.61 -8.74 10.18
C ASP A 359 -11.77 -9.63 9.78
N LYS A 360 -12.27 -9.47 8.56
CA LYS A 360 -13.39 -10.32 8.09
C LYS A 360 -14.49 -10.57 9.17
N SER A 361 -14.44 -9.85 10.29
CA SER A 361 -15.39 -9.98 11.42
C SER A 361 -16.84 -10.12 10.99
N PRO A 362 -17.67 -10.77 11.83
CA PRO A 362 -19.13 -10.73 11.58
C PRO A 362 -19.75 -9.34 11.80
N CYS A 363 -19.07 -8.51 12.61
CA CYS A 363 -19.74 -7.41 13.30
C CYS A 363 -18.81 -6.30 13.78
N PHE A 364 -19.35 -5.09 13.89
CA PHE A 364 -18.55 -3.90 14.20
C PHE A 364 -18.13 -3.84 15.66
N ASN A 365 -17.65 -4.98 16.16
CA ASN A 365 -17.46 -5.21 17.60
C ASN A 365 -16.36 -4.44 18.31
N GLU A 366 -15.76 -5.11 19.29
CA GLU A 366 -14.70 -4.49 20.02
C GLU A 366 -13.44 -4.76 19.23
N VAL A 367 -12.65 -3.70 19.08
CA VAL A 367 -11.25 -3.81 18.73
C VAL A 367 -10.47 -3.39 19.98
N ASN A 368 -9.67 -4.30 20.51
CA ASN A 368 -8.73 -4.03 21.59
C ASN A 368 -7.35 -4.49 21.16
N TRP A 369 -6.35 -4.37 22.03
CA TRP A 369 -4.99 -4.74 21.62
C TRP A 369 -4.88 -6.21 21.29
N ASP A 370 -5.77 -7.02 21.86
CA ASP A 370 -5.73 -8.47 21.62
C ASP A 370 -6.23 -8.99 20.27
N ASN A 371 -7.18 -8.33 19.63
CA ASN A 371 -7.66 -8.76 18.31
C ASN A 371 -7.30 -7.80 17.19
N ALA A 372 -6.59 -6.74 17.51
CA ALA A 372 -6.41 -5.66 16.56
C ALA A 372 -5.39 -6.09 15.55
N THR A 373 -5.60 -5.64 14.32
CA THR A 373 -4.76 -5.97 13.18
C THR A 373 -4.27 -4.71 12.52
N PHE A 374 -2.99 -4.70 12.19
CA PHE A 374 -2.44 -3.62 11.44
C PHE A 374 -1.34 -4.18 10.56
N LEU A 375 -1.32 -3.75 9.29
CA LEU A 375 -0.41 -4.31 8.25
C LEU A 375 -0.41 -5.84 8.32
N LYS A 376 -1.62 -6.41 8.38
CA LYS A 376 -1.84 -7.84 8.50
C LYS A 376 -1.57 -8.44 9.89
N ARG A 377 -0.86 -7.71 10.75
CA ARG A 377 -0.30 -8.29 11.96
C ARG A 377 -1.10 -7.94 13.21
N GLY A 378 -1.04 -8.84 14.19
CA GLY A 378 -1.65 -8.64 15.47
C GLY A 378 -0.57 -8.16 16.43
N PHE A 379 -1.01 -7.94 17.66
CA PHE A 379 -0.22 -7.30 18.70
C PHE A 379 -0.12 -8.23 19.88
N LEU A 380 1.08 -8.71 20.19
CA LEU A 380 1.22 -9.58 21.33
C LEU A 380 2.36 -9.15 22.25
N PRO A 381 2.02 -8.71 23.47
CA PRO A 381 3.06 -8.39 24.48
C PRO A 381 4.04 -9.54 24.68
N ASP A 382 5.34 -9.25 24.72
CA ASP A 382 6.33 -10.28 24.97
C ASP A 382 6.08 -10.79 26.37
N GLU A 383 6.27 -12.08 26.62
CA GLU A 383 5.84 -12.59 27.91
C GLU A 383 6.71 -12.09 29.08
N GLN A 384 8.03 -12.31 29.00
CA GLN A 384 9.00 -11.70 29.93
C GLN A 384 8.96 -10.16 30.00
N PHE A 385 9.15 -9.47 28.88
CA PHE A 385 9.07 -7.96 28.86
C PHE A 385 7.79 -7.37 28.25
N PRO A 386 6.69 -7.35 29.03
CA PRO A 386 5.40 -6.95 28.40
C PRO A 386 5.35 -5.56 27.76
N PHE A 387 6.37 -4.73 27.95
CA PHE A 387 6.32 -3.39 27.33
C PHE A 387 6.67 -3.55 25.83
N LEU A 388 7.55 -4.50 25.51
CA LEU A 388 7.84 -4.95 24.12
C LEU A 388 6.70 -5.71 23.43
N ILE A 389 6.08 -5.11 22.42
CA ILE A 389 5.02 -5.79 21.62
C ILE A 389 5.60 -6.51 20.38
N HIS A 390 5.26 -7.78 20.24
CA HIS A 390 5.59 -8.53 19.03
C HIS A 390 4.55 -8.29 17.95
N PRO A 391 4.98 -8.04 16.71
CA PRO A 391 4.05 -8.02 15.57
C PRO A 391 3.72 -9.47 15.10
N THR A 392 2.46 -9.90 15.21
CA THR A 392 2.13 -11.31 14.88
C THR A 392 1.55 -11.47 13.48
N MET A 393 2.37 -11.99 12.58
CA MET A 393 1.91 -12.38 11.27
C MET A 393 1.18 -13.72 11.40
N PRO A 394 -0.13 -13.78 11.04
CA PRO A 394 -0.83 -15.07 11.22
C PRO A 394 -0.07 -16.23 10.56
N MET A 395 -0.03 -17.39 11.18
CA MET A 395 0.69 -18.52 10.59
C MET A 395 -0.01 -18.96 9.30
N ARG A 396 -1.33 -18.86 9.31
CA ARG A 396 -2.17 -19.23 8.15
C ARG A 396 -1.54 -18.65 6.87
N GLU A 397 -1.13 -17.41 6.98
CA GLU A 397 -0.51 -16.65 5.91
C GLU A 397 0.89 -17.16 5.59
N ILE A 398 1.65 -17.47 6.64
CA ILE A 398 2.99 -18.03 6.46
C ILE A 398 2.94 -19.41 5.74
N HIS A 399 1.97 -20.24 6.12
CA HIS A 399 1.70 -21.53 5.48
C HIS A 399 1.36 -21.37 3.99
N GLU A 400 0.39 -20.52 3.68
CA GLU A 400 0.01 -20.25 2.31
C GLU A 400 1.17 -19.99 1.40
N SER A 401 2.14 -19.28 1.94
CA SER A 401 3.11 -18.59 1.14
C SER A 401 4.36 -19.42 0.91
N ILE A 402 4.60 -20.38 1.81
CA ILE A 402 5.83 -21.19 1.78
C ILE A 402 5.63 -22.33 0.78
N ARG A 403 4.36 -22.59 0.45
CA ARG A 403 3.97 -23.60 -0.50
C ARG A 403 4.25 -23.22 -1.97
N TRP A 404 4.67 -21.98 -2.25
CA TRP A 404 5.06 -21.56 -3.60
C TRP A 404 6.35 -20.77 -3.65
N THR A 405 6.95 -20.69 -4.83
CA THR A 405 8.13 -19.88 -5.03
C THR A 405 8.21 -19.40 -6.47
N LYS A 406 8.80 -18.21 -6.68
CA LYS A 406 9.03 -17.74 -8.02
C LYS A 406 10.43 -18.05 -8.48
N ASP A 407 11.30 -18.52 -7.59
CA ASP A 407 12.66 -18.86 -7.97
C ASP A 407 13.00 -20.14 -7.21
N ALA A 408 13.35 -21.21 -7.93
CA ALA A 408 13.46 -22.54 -7.32
C ALA A 408 14.75 -22.75 -6.54
N ARG A 409 15.66 -21.79 -6.63
CA ARG A 409 16.95 -21.88 -5.96
C ARG A 409 16.89 -21.16 -4.62
N ASN A 410 15.79 -20.47 -4.36
CA ASN A 410 15.71 -19.58 -3.21
C ASN A 410 15.14 -20.23 -1.91
N THR A 411 14.97 -21.55 -1.88
CA THR A 411 14.32 -22.19 -0.73
C THR A 411 14.89 -21.75 0.63
N GLN A 412 16.21 -21.75 0.76
CA GLN A 412 16.93 -21.31 1.96
C GLN A 412 16.44 -19.96 2.49
N ASP A 413 16.61 -18.91 1.70
CA ASP A 413 16.20 -17.55 2.07
C ASP A 413 14.71 -17.43 2.21
N HIS A 414 13.97 -18.19 1.41
CA HIS A 414 12.55 -18.09 1.46
C HIS A 414 12.08 -18.56 2.84
N VAL A 415 12.61 -19.68 3.31
CA VAL A 415 12.30 -20.19 4.64
C VAL A 415 12.81 -19.24 5.75
N ARG A 416 14.10 -18.85 5.71
CA ARG A 416 14.60 -17.90 6.69
C ARG A 416 13.73 -16.65 6.81
N SER A 417 13.32 -16.04 5.69
CA SER A 417 12.40 -14.88 5.71
C SER A 417 11.17 -15.15 6.48
N LEU A 418 10.59 -16.32 6.23
CA LEU A 418 9.34 -16.71 6.87
C LEU A 418 9.59 -16.96 8.36
N CYS A 419 10.76 -17.47 8.69
CA CYS A 419 11.07 -17.66 10.06
C CYS A 419 11.12 -16.28 10.77
N LEU A 420 11.78 -15.28 10.17
CA LEU A 420 11.86 -13.94 10.76
C LEU A 420 10.48 -13.38 11.03
N LEU A 421 9.48 -13.89 10.35
CA LEU A 421 8.12 -13.47 10.63
C LEU A 421 7.46 -14.37 11.66
N ALA A 422 7.69 -15.68 11.61
CA ALA A 422 6.87 -16.60 12.39
C ALA A 422 7.14 -16.58 13.90
N TRP A 423 8.39 -16.31 14.28
CA TRP A 423 8.75 -16.44 15.70
C TRP A 423 8.08 -15.42 16.61
N HIS A 424 7.66 -14.30 16.06
CA HIS A 424 6.90 -13.35 16.87
C HIS A 424 5.62 -13.96 17.49
N ASN A 425 5.24 -15.14 17.04
CA ASN A 425 3.97 -15.76 17.42
C ASN A 425 4.10 -16.59 18.68
N GLY A 426 5.35 -16.77 19.12
CA GLY A 426 5.68 -17.46 20.36
C GLY A 426 6.52 -18.68 20.12
N LYS A 427 7.25 -19.11 21.16
CA LYS A 427 8.14 -20.27 21.14
C LYS A 427 7.43 -21.56 20.70
N GLN A 428 6.19 -21.77 21.15
CA GLN A 428 5.49 -23.01 20.85
C GLN A 428 4.98 -23.07 19.41
N GLU A 429 4.45 -21.94 18.92
CA GLU A 429 4.16 -21.78 17.49
C GLU A 429 5.37 -22.00 16.58
N TYR A 430 6.51 -21.44 16.99
CA TYR A 430 7.66 -21.42 16.13
C TYR A 430 8.12 -22.82 15.97
N GLU A 431 8.12 -23.57 17.07
CA GLU A 431 8.62 -24.92 17.10
C GLU A 431 7.76 -25.77 16.18
N LYS A 432 6.46 -25.54 16.25
CA LYS A 432 5.46 -26.25 15.46
C LYS A 432 5.67 -25.99 13.97
N PHE A 433 6.00 -24.75 13.63
CA PHE A 433 6.32 -24.40 12.28
C PHE A 433 7.61 -25.07 11.81
N VAL A 434 8.66 -24.98 12.60
CA VAL A 434 9.97 -25.51 12.22
C VAL A 434 9.92 -27.02 12.22
N SER A 435 9.04 -27.59 13.01
CA SER A 435 9.07 -29.03 13.05
C SER A 435 8.36 -29.56 11.79
N THR A 436 7.24 -28.96 11.37
CA THR A 436 6.70 -29.28 10.06
C THR A 436 7.75 -29.10 8.93
N ILE A 437 8.55 -28.03 9.00
CA ILE A 437 9.58 -27.83 8.00
C ILE A 437 10.50 -29.01 8.06
N ARG A 438 10.84 -29.44 9.29
CA ARG A 438 11.85 -30.48 9.51
C ARG A 438 11.24 -31.89 9.36
N SER A 439 9.99 -31.92 8.90
CA SER A 439 9.21 -33.15 8.72
C SER A 439 9.47 -33.88 7.40
N VAL A 440 10.52 -33.44 6.69
CA VAL A 440 10.74 -33.79 5.30
C VAL A 440 12.26 -33.62 5.03
N PRO A 441 12.91 -34.65 4.49
CA PRO A 441 14.36 -34.59 4.39
C PRO A 441 14.90 -33.29 3.88
N VAL A 442 14.18 -32.54 3.02
CA VAL A 442 14.72 -31.24 2.49
C VAL A 442 14.81 -30.17 3.58
N GLY A 443 13.74 -30.09 4.38
CA GLY A 443 13.68 -29.24 5.56
C GLY A 443 14.96 -29.44 6.35
N ARG A 444 15.19 -30.69 6.79
CA ARG A 444 16.34 -31.01 7.66
C ARG A 444 17.70 -30.54 7.12
N ALA A 445 17.84 -30.35 5.81
CA ALA A 445 19.14 -29.93 5.26
C ALA A 445 19.32 -28.43 5.31
N LEU A 446 18.29 -27.73 5.76
CA LEU A 446 18.32 -26.25 5.80
C LEU A 446 18.83 -25.73 7.15
N ALA A 447 19.57 -24.62 7.08
CA ALA A 447 19.95 -23.84 8.25
C ALA A 447 18.76 -22.99 8.70
N ILE A 448 17.98 -23.49 9.65
CA ILE A 448 16.83 -22.77 10.22
C ILE A 448 17.24 -21.98 11.48
N PRO A 449 16.92 -20.67 11.56
CA PRO A 449 17.46 -19.84 12.68
C PRO A 449 16.81 -20.12 14.03
N ASN A 450 17.58 -19.96 15.11
CA ASN A 450 17.16 -20.38 16.47
C ASN A 450 16.24 -19.38 17.16
N TYR A 451 15.17 -19.89 17.76
CA TYR A 451 14.21 -19.04 18.46
C TYR A 451 14.86 -17.99 19.36
N GLU A 452 15.67 -18.42 20.32
CA GLU A 452 16.27 -17.47 21.27
C GLU A 452 17.39 -16.62 20.65
N ASN A 453 17.96 -17.05 19.54
CA ASN A 453 18.77 -16.06 18.83
C ASN A 453 17.92 -14.92 18.20
N LEU A 454 16.75 -15.26 17.63
CA LEU A 454 15.94 -14.27 16.95
C LEU A 454 15.49 -13.22 17.97
N ARG A 455 15.13 -13.72 19.17
CA ARG A 455 14.63 -12.92 20.28
C ARG A 455 15.74 -12.04 20.87
N ARG A 456 16.95 -12.58 21.04
CA ARG A 456 18.04 -11.74 21.59
C ARG A 456 18.26 -10.61 20.60
N ASN A 457 18.32 -10.93 19.32
CA ASN A 457 18.45 -9.87 18.30
C ASN A 457 17.38 -8.81 18.38
N TRP A 458 16.15 -9.27 18.57
CA TRP A 458 15.01 -8.39 18.65
C TRP A 458 15.11 -7.44 19.88
N LEU A 459 15.53 -7.98 21.04
CA LEU A 459 15.76 -7.15 22.22
C LEU A 459 16.80 -6.09 21.92
N GLU A 460 17.88 -6.47 21.24
CA GLU A 460 18.95 -5.50 20.96
C GLU A 460 18.52 -4.33 20.10
N LEU A 461 17.28 -4.31 19.64
CA LEU A 461 16.82 -3.09 18.95
C LEU A 461 16.17 -2.09 19.89
N PHE A 462 15.97 -2.46 21.15
CA PHE A 462 15.30 -1.53 22.03
C PHE A 462 16.25 -0.85 23.01
NI NI B . -9.30 11.48 -19.56
#